data_5D65
#
_entry.id   5D65
#
_cell.length_a   181.061
_cell.length_b   181.061
_cell.length_c   77.378
_cell.angle_alpha   90.00
_cell.angle_beta   90.00
_cell.angle_gamma   120.00
#
_symmetry.space_group_name_H-M   'P 62 2 2'
#
loop_
_entity.id
_entity.type
_entity.pdbx_description
1 polymer 'C-C motif chemokine 3'
2 branched '2-deoxy-6-O-sulfo-2-(sulfoamino)-alpha-D-glucopyranose-(1-4)-2-O-sulfo-alpha-L-idopyranuronic acid'
3 non-polymer beta-D-glucopyranose
4 non-polymer 'CHLORIDE ION'
5 non-polymer alpha-D-glucopyranose
#
_entity_poly.entity_id   1
_entity_poly.type   'polypeptide(L)'
_entity_poly.pdbx_seq_one_letter_code
;ASLAADTPTACCFSYTSRQIPQNFIADYFETSSQCSKPGVIFLTKRSRQVCADPSEEWVQKYVSDLELSA
;
_entity_poly.pdbx_strand_id   A,B,C,D,E
#
loop_
_chem_comp.id
_chem_comp.type
_chem_comp.name
_chem_comp.formula
BGC D-saccharide, beta linking beta-D-glucopyranose 'C6 H12 O6'
CL non-polymer 'CHLORIDE ION' 'Cl -1'
GLC D-saccharide, alpha linking alpha-D-glucopyranose 'C6 H12 O6'
IDS L-saccharide, alpha linking '2-O-sulfo-alpha-L-idopyranuronic acid' 'C6 H10 O10 S'
SGN D-saccharide, alpha linking 2-deoxy-6-O-sulfo-2-(sulfoamino)-alpha-D-glucopyranose 'C6 H13 N O11 S2'
#
# COMPACT_ATOMS: atom_id res chain seq x y z
N SER A 2 1.34 2.20 -6.22
CA SER A 2 2.46 1.53 -6.84
C SER A 2 1.98 0.27 -7.54
N LEU A 3 0.68 0.20 -7.86
CA LEU A 3 0.11 -1.03 -8.38
C LEU A 3 -0.65 -0.92 -9.71
N ALA A 4 -0.95 -2.06 -10.30
CA ALA A 4 -1.39 -2.13 -11.69
C ALA A 4 -2.78 -1.62 -11.92
N ALA A 5 -3.11 -1.39 -13.20
CA ALA A 5 -4.34 -0.73 -13.60
C ALA A 5 -4.90 -1.56 -14.73
N ASP A 6 -5.86 -1.02 -15.47
CA ASP A 6 -6.46 -1.74 -16.58
C ASP A 6 -5.58 -1.69 -17.82
N THR A 7 -4.70 -2.69 -17.95
CA THR A 7 -3.80 -2.76 -19.09
C THR A 7 -3.62 -4.20 -19.57
N PRO A 8 -2.62 -4.44 -20.40
CA PRO A 8 -2.37 -5.79 -20.91
C PRO A 8 -1.30 -6.52 -20.11
N THR A 9 -1.65 -7.66 -19.50
CA THR A 9 -0.69 -8.44 -18.75
C THR A 9 0.29 -9.15 -19.68
N ALA A 10 1.56 -9.18 -19.28
CA ALA A 10 2.60 -9.83 -20.07
C ALA A 10 2.53 -11.34 -19.94
N CYS A 11 2.40 -12.03 -21.08
CA CYS A 11 2.33 -13.48 -21.09
C CYS A 11 3.32 -14.07 -22.07
N CYS A 12 3.90 -15.21 -21.71
CA CYS A 12 4.82 -15.93 -22.60
C CYS A 12 4.14 -17.15 -23.19
N PHE A 13 4.10 -17.21 -24.52
CA PHE A 13 3.51 -18.35 -25.21
C PHE A 13 4.59 -19.18 -25.88
N SER A 14 5.81 -18.66 -25.88
CA SER A 14 6.96 -19.41 -26.38
C SER A 14 8.19 -19.07 -25.55
N TYR A 15 8.90 -20.10 -25.09
CA TYR A 15 10.10 -19.90 -24.31
C TYR A 15 11.31 -19.85 -25.22
N THR A 16 12.51 -19.83 -24.63
CA THR A 16 13.73 -19.76 -25.42
C THR A 16 14.53 -21.04 -25.31
N SER A 17 14.87 -21.63 -26.45
CA SER A 17 15.63 -22.87 -26.46
C SER A 17 17.02 -22.68 -25.86
N ARG A 18 17.80 -21.72 -26.37
CA ARG A 18 19.17 -21.58 -25.89
C ARG A 18 19.36 -20.43 -24.91
N GLN A 19 20.33 -20.66 -24.05
CA GLN A 19 20.56 -19.86 -22.85
C GLN A 19 21.20 -18.51 -23.13
N ILE A 20 20.59 -17.46 -22.59
CA ILE A 20 21.14 -16.13 -22.67
C ILE A 20 22.41 -16.05 -21.83
N PRO A 21 23.48 -15.46 -22.39
CA PRO A 21 24.67 -15.15 -21.60
C PRO A 21 24.28 -14.31 -20.39
N GLN A 22 24.67 -14.76 -19.20
CA GLN A 22 24.18 -14.18 -17.95
C GLN A 22 24.53 -12.71 -17.81
N ASN A 23 25.66 -12.30 -18.37
CA ASN A 23 26.09 -10.91 -18.29
C ASN A 23 25.30 -9.99 -19.21
N PHE A 24 24.32 -10.55 -19.93
CA PHE A 24 23.40 -9.75 -20.72
C PHE A 24 22.20 -9.36 -19.88
N ILE A 25 21.92 -10.18 -18.87
CA ILE A 25 20.72 -10.01 -18.03
C ILE A 25 20.84 -8.80 -17.10
N ALA A 26 19.86 -7.91 -17.17
CA ALA A 26 19.83 -6.73 -16.32
C ALA A 26 18.77 -6.87 -15.23
N ASP A 27 17.67 -7.54 -15.56
CA ASP A 27 16.56 -7.70 -14.62
C ASP A 27 15.63 -8.83 -15.04
N TYR A 28 14.65 -9.14 -14.20
CA TYR A 28 13.70 -10.22 -14.51
C TYR A 28 12.31 -9.94 -13.95
N PHE A 29 11.29 -10.43 -14.64
CA PHE A 29 9.92 -10.37 -14.17
C PHE A 29 9.20 -11.67 -14.48
N GLU A 30 8.49 -12.22 -13.51
CA GLU A 30 7.70 -13.43 -13.73
C GLU A 30 6.28 -13.08 -14.13
N THR A 31 5.81 -13.69 -15.22
CA THR A 31 4.50 -13.40 -15.77
C THR A 31 3.37 -13.83 -14.83
N SER A 32 2.18 -13.28 -15.04
CA SER A 32 1.02 -13.60 -14.21
C SER A 32 0.64 -15.07 -14.31
N SER A 33 0.02 -15.58 -13.24
CA SER A 33 -0.44 -16.95 -13.21
C SER A 33 -1.70 -17.13 -14.03
N GLN A 34 -2.31 -16.00 -14.41
CA GLN A 34 -3.51 -16.02 -15.23
C GLN A 34 -3.18 -16.44 -16.66
N CYS A 35 -1.93 -16.27 -17.04
CA CYS A 35 -1.46 -16.70 -18.35
C CYS A 35 -1.57 -18.22 -18.48
N SER A 36 -1.66 -18.70 -19.72
CA SER A 36 -1.75 -20.13 -19.97
C SER A 36 -0.49 -20.84 -19.51
N LYS A 37 0.66 -20.31 -19.93
CA LYS A 37 1.94 -20.92 -19.60
C LYS A 37 2.73 -20.04 -18.62
N PRO A 38 3.20 -20.64 -17.52
CA PRO A 38 4.05 -19.90 -16.58
C PRO A 38 5.37 -19.51 -17.23
N GLY A 39 5.77 -18.25 -17.12
CA GLY A 39 6.97 -17.78 -17.79
C GLY A 39 7.76 -16.76 -17.00
N VAL A 40 9.04 -16.64 -17.35
CA VAL A 40 9.91 -15.62 -16.77
C VAL A 40 10.40 -14.69 -17.87
N ILE A 41 10.27 -13.38 -17.65
CA ILE A 41 10.72 -12.40 -18.62
C ILE A 41 12.03 -11.75 -18.19
N PHE A 42 13.11 -12.09 -18.87
CA PHE A 42 14.40 -11.47 -18.60
C PHE A 42 14.55 -10.17 -19.38
N LEU A 43 15.01 -9.13 -18.69
CA LEU A 43 15.26 -7.85 -19.31
C LEU A 43 16.75 -7.67 -19.51
N THR A 44 17.18 -7.59 -20.76
CA THR A 44 18.60 -7.45 -21.08
C THR A 44 19.06 -6.02 -20.90
N LYS A 45 20.38 -5.81 -20.90
CA LYS A 45 20.95 -4.48 -20.77
C LYS A 45 20.67 -3.64 -22.01
N ARG A 46 20.31 -4.32 -23.10
CA ARG A 46 19.86 -3.66 -24.31
C ARG A 46 18.36 -3.36 -24.24
N SER A 47 17.80 -3.53 -23.05
CA SER A 47 16.38 -3.29 -22.79
C SER A 47 15.48 -4.15 -23.66
N ARG A 48 15.87 -5.40 -23.87
CA ARG A 48 15.06 -6.34 -24.63
C ARG A 48 14.40 -7.34 -23.70
N GLN A 49 13.24 -7.85 -24.09
CA GLN A 49 12.47 -8.76 -23.24
C GLN A 49 12.42 -10.17 -23.81
N VAL A 50 12.89 -11.13 -23.02
CA VAL A 50 12.96 -12.53 -23.46
C VAL A 50 12.22 -13.47 -22.52
N CYS A 51 11.28 -14.23 -23.07
CA CYS A 51 10.53 -15.21 -22.28
C CYS A 51 11.37 -16.45 -22.01
N ALA A 52 11.17 -17.06 -20.85
CA ALA A 52 11.96 -18.23 -20.45
C ALA A 52 11.16 -19.20 -19.59
N ASP A 53 11.44 -20.49 -19.75
CA ASP A 53 10.79 -21.54 -18.97
C ASP A 53 11.29 -21.54 -17.53
N PRO A 54 10.39 -21.29 -16.57
CA PRO A 54 10.71 -21.20 -15.14
C PRO A 54 11.21 -22.53 -14.56
N SER A 55 11.02 -23.62 -15.28
CA SER A 55 11.42 -24.94 -14.77
C SER A 55 12.77 -25.38 -15.31
N GLU A 56 13.35 -24.59 -16.22
CA GLU A 56 14.67 -24.88 -16.75
C GLU A 56 15.73 -24.59 -15.70
N GLU A 57 16.86 -25.30 -15.79
CA GLU A 57 17.92 -25.20 -14.80
C GLU A 57 18.52 -23.80 -14.69
N TRP A 58 18.89 -23.23 -15.84
CA TRP A 58 19.61 -21.96 -15.87
C TRP A 58 18.73 -20.76 -15.53
N VAL A 59 17.46 -20.84 -15.90
CA VAL A 59 16.51 -19.76 -15.62
C VAL A 59 16.37 -19.53 -14.12
N GLN A 60 16.24 -20.62 -13.38
CA GLN A 60 16.14 -20.56 -11.93
C GLN A 60 17.42 -20.00 -11.32
N LYS A 61 18.56 -20.28 -11.96
CA LYS A 61 19.84 -19.80 -11.49
C LYS A 61 19.98 -18.30 -11.70
N TYR A 62 19.56 -17.83 -12.86
CA TYR A 62 19.64 -16.41 -13.19
C TYR A 62 18.77 -15.58 -12.26
N VAL A 63 17.56 -16.07 -11.99
CA VAL A 63 16.64 -15.41 -11.07
C VAL A 63 17.22 -15.37 -9.66
N SER A 64 17.84 -16.47 -9.26
CA SER A 64 18.44 -16.58 -7.93
C SER A 64 19.58 -15.56 -7.75
N ASP A 65 20.40 -15.43 -8.78
CA ASP A 65 21.55 -14.51 -8.73
C ASP A 65 21.09 -13.05 -8.69
N LEU A 66 19.99 -12.76 -9.37
CA LEU A 66 19.45 -11.40 -9.40
C LEU A 66 18.86 -11.03 -8.04
N GLU A 67 18.13 -11.96 -7.44
CA GLU A 67 17.49 -11.73 -6.14
C GLU A 67 18.51 -11.54 -5.02
N LEU A 68 19.52 -12.42 -4.99
CA LEU A 68 20.54 -12.37 -3.95
C LEU A 68 21.62 -11.35 -4.29
N SER A 69 21.20 -10.12 -4.59
CA SER A 69 22.14 -9.05 -4.93
C SER A 69 21.58 -7.69 -4.53
N LEU B 3 2.60 6.96 5.93
CA LEU B 3 1.55 7.91 6.30
C LEU B 3 0.83 8.44 5.06
N ALA B 4 -0.45 8.12 4.95
CA ALA B 4 -1.24 8.53 3.80
C ALA B 4 -2.73 8.60 4.15
N ALA B 5 -3.52 9.19 3.24
CA ALA B 5 -4.95 9.35 3.46
C ALA B 5 -5.68 9.46 2.13
N ASP B 6 -6.86 8.82 2.05
CA ASP B 6 -7.60 8.70 0.80
C ASP B 6 -6.71 8.09 -0.29
N THR B 7 -5.84 7.19 0.15
CA THR B 7 -4.88 6.53 -0.72
C THR B 7 -5.43 5.19 -1.19
N PRO B 8 -5.04 4.74 -2.40
CA PRO B 8 -5.48 3.44 -2.92
C PRO B 8 -5.10 2.27 -2.01
N THR B 9 -5.77 1.14 -2.20
CA THR B 9 -5.54 -0.05 -1.39
C THR B 9 -5.09 -1.22 -2.26
N ALA B 10 -4.03 -1.90 -1.83
CA ALA B 10 -3.51 -3.04 -2.56
C ALA B 10 -4.40 -4.27 -2.41
N CYS B 11 -4.85 -4.81 -3.55
CA CYS B 11 -5.68 -6.00 -3.56
C CYS B 11 -5.12 -7.05 -4.51
N CYS B 12 -5.38 -8.32 -4.21
CA CYS B 12 -4.91 -9.42 -5.04
C CYS B 12 -6.06 -10.11 -5.76
N PHE B 13 -5.99 -10.15 -7.08
CA PHE B 13 -7.02 -10.80 -7.89
C PHE B 13 -6.49 -12.06 -8.57
N SER B 14 -5.22 -12.36 -8.32
CA SER B 14 -4.58 -13.56 -8.84
C SER B 14 -3.37 -13.92 -8.01
N TYR B 15 -3.11 -15.21 -7.85
CA TYR B 15 -2.00 -15.66 -7.00
C TYR B 15 -0.95 -16.41 -7.81
N THR B 16 0.31 -16.27 -7.41
CA THR B 16 1.42 -16.95 -8.05
C THR B 16 1.21 -18.47 -8.05
N SER B 17 1.56 -19.10 -9.16
CA SER B 17 1.35 -20.54 -9.33
C SER B 17 2.58 -21.33 -8.88
N ARG B 18 3.66 -20.63 -8.60
CA ARG B 18 4.89 -21.26 -8.14
C ARG B 18 5.34 -20.69 -6.81
N GLN B 19 5.81 -21.57 -5.91
CA GLN B 19 6.32 -21.14 -4.63
C GLN B 19 7.59 -20.33 -4.79
N ILE B 20 7.61 -19.14 -4.20
CA ILE B 20 8.81 -18.32 -4.18
C ILE B 20 9.81 -18.90 -3.20
N PRO B 21 11.07 -19.09 -3.65
CA PRO B 21 12.14 -19.51 -2.74
C PRO B 21 12.27 -18.54 -1.58
N GLN B 22 12.23 -19.06 -0.35
CA GLN B 22 12.17 -18.21 0.84
C GLN B 22 13.38 -17.28 0.97
N ASN B 23 14.48 -17.65 0.31
CA ASN B 23 15.67 -16.82 0.29
C ASN B 23 15.46 -15.50 -0.45
N PHE B 24 14.36 -15.40 -1.18
CA PHE B 24 14.07 -14.20 -1.96
C PHE B 24 13.21 -13.25 -1.15
N ILE B 25 12.51 -13.80 -0.15
CA ILE B 25 11.55 -13.03 0.63
C ILE B 25 12.20 -11.96 1.50
N ALA B 26 11.79 -10.71 1.30
CA ALA B 26 12.27 -9.61 2.12
C ALA B 26 11.24 -9.23 3.18
N ASP B 27 9.98 -9.20 2.78
CA ASP B 27 8.90 -8.84 3.69
C ASP B 27 7.55 -9.39 3.22
N TYR B 28 6.51 -9.18 4.02
CA TYR B 28 5.17 -9.61 3.67
C TYR B 28 4.13 -8.56 4.03
N PHE B 29 3.01 -8.57 3.31
CA PHE B 29 1.88 -7.70 3.63
C PHE B 29 0.57 -8.42 3.32
N GLU B 30 -0.25 -8.62 4.33
CA GLU B 30 -1.58 -9.19 4.11
C GLU B 30 -2.47 -8.09 3.53
N THR B 31 -3.30 -8.44 2.55
CA THR B 31 -4.16 -7.47 1.89
C THR B 31 -5.33 -7.06 2.78
N SER B 32 -5.99 -5.97 2.42
CA SER B 32 -7.08 -5.43 3.23
C SER B 32 -8.31 -6.32 3.18
N SER B 33 -9.10 -6.27 4.26
CA SER B 33 -10.33 -7.04 4.33
C SER B 33 -11.38 -6.47 3.40
N GLN B 34 -11.13 -5.25 2.90
CA GLN B 34 -12.04 -4.60 1.97
C GLN B 34 -11.87 -5.15 0.55
N CYS B 35 -10.73 -5.78 0.30
CA CYS B 35 -10.49 -6.42 -0.99
C CYS B 35 -11.49 -7.55 -1.22
N SER B 36 -11.85 -7.77 -2.48
CA SER B 36 -12.82 -8.81 -2.82
C SER B 36 -12.32 -10.20 -2.46
N LYS B 37 -11.01 -10.39 -2.55
CA LYS B 37 -10.40 -11.69 -2.31
C LYS B 37 -9.31 -11.61 -1.25
N PRO B 38 -9.05 -12.74 -0.55
CA PRO B 38 -7.91 -12.80 0.36
C PRO B 38 -6.59 -12.75 -0.40
N GLY B 39 -5.51 -12.40 0.29
CA GLY B 39 -4.22 -12.33 -0.36
C GLY B 39 -3.07 -11.95 0.54
N VAL B 40 -1.88 -12.44 0.21
CA VAL B 40 -0.66 -12.04 0.89
C VAL B 40 0.32 -11.51 -0.15
N ILE B 41 0.88 -10.33 0.11
CA ILE B 41 1.81 -9.71 -0.83
C ILE B 41 3.24 -9.82 -0.33
N PHE B 42 3.99 -10.75 -0.90
CA PHE B 42 5.38 -10.93 -0.54
C PHE B 42 6.27 -9.94 -1.30
N LEU B 43 7.19 -9.32 -0.58
CA LEU B 43 8.15 -8.42 -1.20
C LEU B 43 9.50 -9.12 -1.31
N THR B 44 10.02 -9.23 -2.52
CA THR B 44 11.31 -9.90 -2.72
C THR B 44 12.46 -8.91 -2.55
N LYS B 45 13.69 -9.43 -2.54
CA LYS B 45 14.87 -8.61 -2.35
C LYS B 45 15.19 -7.81 -3.60
N ARG B 46 14.64 -8.24 -4.74
CA ARG B 46 14.74 -7.50 -5.99
C ARG B 46 13.58 -6.51 -6.07
N SER B 47 12.85 -6.39 -4.96
CA SER B 47 11.69 -5.51 -4.85
C SER B 47 10.58 -5.88 -5.82
N ARG B 48 10.29 -7.18 -5.93
CA ARG B 48 9.13 -7.65 -6.67
C ARG B 48 7.95 -7.81 -5.71
N GLN B 49 6.76 -7.45 -6.16
CA GLN B 49 5.56 -7.61 -5.36
C GLN B 49 4.70 -8.74 -5.90
N VAL B 50 4.64 -9.84 -5.17
CA VAL B 50 3.95 -11.03 -5.62
C VAL B 50 2.75 -11.37 -4.74
N CYS B 51 1.58 -11.53 -5.35
CA CYS B 51 0.39 -11.94 -4.64
C CYS B 51 0.36 -13.45 -4.46
N ALA B 52 0.19 -13.90 -3.22
CA ALA B 52 0.17 -15.33 -2.92
C ALA B 52 -1.12 -15.75 -2.23
N ASP B 53 -1.56 -16.97 -2.51
CA ASP B 53 -2.78 -17.51 -1.92
C ASP B 53 -2.53 -17.89 -0.46
N PRO B 54 -3.24 -17.23 0.47
CA PRO B 54 -3.09 -17.47 1.91
C PRO B 54 -3.47 -18.89 2.33
N SER B 55 -4.15 -19.62 1.45
CA SER B 55 -4.59 -20.98 1.77
C SER B 55 -3.44 -21.98 1.59
N GLU B 56 -2.47 -21.64 0.76
CA GLU B 56 -1.30 -22.49 0.55
C GLU B 56 -0.43 -22.52 1.80
N GLU B 57 0.01 -23.72 2.18
CA GLU B 57 0.74 -23.91 3.42
C GLU B 57 2.11 -23.23 3.43
N TRP B 58 2.75 -23.14 2.27
CA TRP B 58 4.06 -22.51 2.19
C TRP B 58 3.94 -21.01 2.40
N VAL B 59 2.79 -20.45 2.04
CA VAL B 59 2.53 -19.03 2.24
C VAL B 59 2.38 -18.72 3.73
N GLN B 60 1.62 -19.56 4.43
CA GLN B 60 1.38 -19.38 5.86
C GLN B 60 2.67 -19.55 6.66
N LYS B 61 3.55 -20.43 6.18
CA LYS B 61 4.82 -20.68 6.85
C LYS B 61 5.76 -19.48 6.73
N TYR B 62 5.80 -18.87 5.54
CA TYR B 62 6.65 -17.72 5.30
C TYR B 62 6.25 -16.55 6.19
N VAL B 63 4.95 -16.32 6.30
CA VAL B 63 4.42 -15.25 7.14
C VAL B 63 4.78 -15.48 8.61
N SER B 64 4.62 -16.72 9.05
CA SER B 64 4.95 -17.10 10.42
C SER B 64 6.41 -16.84 10.74
N ASP B 65 7.29 -17.22 9.80
CA ASP B 65 8.72 -17.06 10.00
C ASP B 65 9.13 -15.58 10.05
N LEU B 66 8.46 -14.75 9.25
CA LEU B 66 8.73 -13.33 9.24
C LEU B 66 8.29 -12.64 10.52
N GLU B 67 7.18 -13.11 11.08
CA GLU B 67 6.67 -12.56 12.32
C GLU B 67 7.51 -12.96 13.52
N LEU B 68 7.99 -14.20 13.52
CA LEU B 68 8.80 -14.72 14.61
C LEU B 68 10.29 -14.61 14.30
N SER B 69 10.77 -13.37 14.19
CA SER B 69 12.17 -13.13 13.87
C SER B 69 12.66 -11.83 14.53
N LEU C 3 2.96 -5.13 -19.79
CA LEU C 3 3.36 -4.23 -18.72
C LEU C 3 2.58 -4.56 -17.44
N ALA C 4 2.69 -5.80 -17.01
CA ALA C 4 2.06 -6.26 -15.74
C ALA C 4 2.58 -7.64 -15.37
N ALA C 5 2.06 -8.15 -14.25
CA ALA C 5 2.48 -9.38 -13.63
C ALA C 5 1.43 -9.73 -12.61
N ASP C 6 1.62 -10.79 -11.82
CA ASP C 6 0.69 -11.04 -10.69
C ASP C 6 0.97 -10.12 -9.54
N THR C 7 0.85 -8.84 -9.81
CA THR C 7 1.19 -7.77 -8.91
C THR C 7 -0.10 -7.39 -8.32
N PRO C 8 -0.02 -6.77 -7.06
CA PRO C 8 -1.32 -6.39 -6.54
C PRO C 8 -1.93 -5.29 -7.33
N THR C 9 -3.22 -5.07 -7.12
CA THR C 9 -3.96 -4.08 -7.88
C THR C 9 -4.40 -2.91 -7.01
N ALA C 10 -4.25 -1.70 -7.55
CA ALA C 10 -4.66 -0.49 -6.84
C ALA C 10 -6.18 -0.30 -6.90
N CYS C 11 -6.83 -0.39 -5.75
CA CYS C 11 -8.27 -0.21 -5.65
C CYS C 11 -8.61 0.96 -4.74
N CYS C 12 -9.80 1.53 -4.93
CA CYS C 12 -10.26 2.65 -4.11
C CYS C 12 -11.51 2.27 -3.33
N PHE C 13 -11.45 2.46 -2.01
CA PHE C 13 -12.59 2.19 -1.15
C PHE C 13 -13.04 3.47 -0.43
N SER C 14 -12.24 4.52 -0.57
CA SER C 14 -12.54 5.80 0.06
C SER C 14 -12.04 6.95 -0.81
N TYR C 15 -12.98 7.74 -1.33
CA TYR C 15 -12.64 8.87 -2.19
C TYR C 15 -12.44 10.13 -1.35
N THR C 16 -11.70 11.09 -1.89
CA THR C 16 -11.51 12.36 -1.22
C THR C 16 -12.79 13.20 -1.30
N SER C 17 -13.19 13.78 -0.18
CA SER C 17 -14.42 14.55 -0.11
C SER C 17 -14.33 15.85 -0.90
N ARG C 18 -13.38 16.68 -0.54
CA ARG C 18 -13.25 18.00 -1.17
C ARG C 18 -12.26 17.98 -2.34
N GLN C 19 -12.43 18.94 -3.23
CA GLN C 19 -11.68 19.02 -4.49
C GLN C 19 -10.21 19.40 -4.29
N ILE C 20 -9.34 18.76 -5.06
CA ILE C 20 -7.92 19.09 -5.08
C ILE C 20 -7.67 20.25 -6.05
N PRO C 21 -6.85 21.22 -5.65
CA PRO C 21 -6.38 22.24 -6.60
C PRO C 21 -5.71 21.59 -7.81
N GLN C 22 -6.05 22.07 -9.00
CA GLN C 22 -5.66 21.41 -10.24
C GLN C 22 -4.15 21.36 -10.47
N ASN C 23 -3.47 22.45 -10.13
CA ASN C 23 -2.02 22.54 -10.36
C ASN C 23 -1.22 21.67 -9.39
N PHE C 24 -1.92 20.93 -8.54
CA PHE C 24 -1.28 19.95 -7.67
C PHE C 24 -1.14 18.63 -8.43
N ILE C 25 -2.03 18.42 -9.38
CA ILE C 25 -2.10 17.17 -10.14
C ILE C 25 -0.96 17.04 -11.14
N ALA C 26 -0.29 15.89 -11.13
CA ALA C 26 0.81 15.63 -12.06
C ALA C 26 0.45 14.54 -13.06
N ASP C 27 -0.35 13.58 -12.63
CA ASP C 27 -0.76 12.48 -13.49
C ASP C 27 -2.04 11.82 -12.98
N TYR C 28 -2.51 10.81 -13.70
CA TYR C 28 -3.73 10.10 -13.32
C TYR C 28 -3.75 8.69 -13.91
N PHE C 29 -4.61 7.84 -13.36
CA PHE C 29 -4.94 6.55 -13.97
C PHE C 29 -6.17 5.96 -13.29
N GLU C 30 -7.06 5.40 -14.09
CA GLU C 30 -8.27 4.76 -13.57
C GLU C 30 -7.92 3.45 -12.88
N THR C 31 -8.80 3.00 -11.99
CA THR C 31 -8.58 1.74 -11.29
C THR C 31 -9.15 0.58 -12.10
N SER C 32 -8.68 -0.64 -11.81
CA SER C 32 -9.12 -1.83 -12.51
C SER C 32 -10.60 -2.11 -12.24
N SER C 33 -11.27 -2.69 -13.23
CA SER C 33 -12.69 -3.03 -13.11
C SER C 33 -12.90 -4.17 -12.13
N GLN C 34 -11.84 -4.90 -11.82
CA GLN C 34 -11.91 -6.00 -10.88
C GLN C 34 -12.16 -5.49 -9.46
N CYS C 35 -11.84 -4.22 -9.22
CA CYS C 35 -12.11 -3.60 -7.93
C CYS C 35 -13.61 -3.50 -7.68
N SER C 36 -14.01 -3.62 -6.43
CA SER C 36 -15.42 -3.58 -6.06
C SER C 36 -16.02 -2.20 -6.32
N LYS C 37 -15.18 -1.18 -6.27
CA LYS C 37 -15.62 0.18 -6.53
C LYS C 37 -14.84 0.79 -7.70
N PRO C 38 -15.51 1.62 -8.50
CA PRO C 38 -14.81 2.39 -9.53
C PRO C 38 -13.95 3.45 -8.88
N GLY C 39 -12.89 3.90 -9.56
CA GLY C 39 -12.01 4.88 -8.96
C GLY C 39 -11.00 5.52 -9.90
N VAL C 40 -10.70 6.78 -9.64
CA VAL C 40 -9.67 7.50 -10.37
C VAL C 40 -8.58 7.94 -9.39
N ILE C 41 -7.35 7.52 -9.65
CA ILE C 41 -6.23 7.83 -8.76
C ILE C 41 -5.38 8.96 -9.33
N PHE C 42 -5.45 10.12 -8.68
CA PHE C 42 -4.65 11.27 -9.10
C PHE C 42 -3.27 11.24 -8.45
N LEU C 43 -2.24 11.44 -9.26
CA LEU C 43 -0.87 11.54 -8.76
C LEU C 43 -0.47 13.00 -8.67
N THR C 44 -0.07 13.44 -7.48
CA THR C 44 0.33 14.82 -7.27
C THR C 44 1.80 15.04 -7.66
N LYS C 45 2.23 16.29 -7.60
CA LYS C 45 3.60 16.64 -7.96
C LYS C 45 4.59 16.27 -6.85
N ARG C 46 4.07 15.66 -5.79
CA ARG C 46 4.90 15.12 -4.72
C ARG C 46 4.80 13.61 -4.70
N SER C 47 4.36 13.03 -5.82
CA SER C 47 4.22 11.58 -6.00
C SER C 47 3.29 10.95 -4.96
N ARG C 48 2.28 11.70 -4.55
CA ARG C 48 1.32 11.21 -3.57
C ARG C 48 0.00 10.83 -4.26
N GLN C 49 -0.45 9.60 -4.04
CA GLN C 49 -1.62 9.07 -4.74
C GLN C 49 -2.93 9.36 -3.99
N VAL C 50 -3.90 9.91 -4.72
CA VAL C 50 -5.19 10.27 -4.13
C VAL C 50 -6.35 9.64 -4.89
N CYS C 51 -7.21 8.92 -4.17
CA CYS C 51 -8.40 8.33 -4.77
C CYS C 51 -9.50 9.37 -4.97
N ALA C 52 -10.13 9.34 -6.15
CA ALA C 52 -11.17 10.30 -6.49
C ALA C 52 -12.37 9.63 -7.11
N ASP C 53 -13.56 10.17 -6.84
CA ASP C 53 -14.80 9.63 -7.36
C ASP C 53 -14.99 10.02 -8.82
N PRO C 54 -15.03 9.02 -9.72
CA PRO C 54 -15.18 9.24 -11.16
C PRO C 54 -16.47 9.96 -11.54
N SER C 55 -17.49 9.84 -10.69
CA SER C 55 -18.75 10.49 -10.96
C SER C 55 -18.66 12.01 -10.76
N GLU C 56 -17.77 12.44 -9.86
CA GLU C 56 -17.66 13.85 -9.52
C GLU C 56 -17.17 14.70 -10.68
N GLU C 57 -17.77 15.87 -10.82
CA GLU C 57 -17.57 16.72 -11.99
C GLU C 57 -16.10 17.11 -12.19
N TRP C 58 -15.42 17.48 -11.11
CA TRP C 58 -14.06 18.01 -11.21
C TRP C 58 -13.01 16.95 -11.54
N VAL C 59 -13.30 15.71 -11.14
CA VAL C 59 -12.44 14.57 -11.45
C VAL C 59 -12.41 14.31 -12.96
N GLN C 60 -13.58 14.33 -13.58
CA GLN C 60 -13.69 14.12 -15.02
C GLN C 60 -13.02 15.25 -15.78
N LYS C 61 -13.06 16.45 -15.22
CA LYS C 61 -12.47 17.62 -15.86
C LYS C 61 -10.96 17.60 -15.78
N TYR C 62 -10.43 17.13 -14.65
CA TYR C 62 -8.99 17.01 -14.47
C TYR C 62 -8.40 15.98 -15.42
N VAL C 63 -9.09 14.84 -15.52
CA VAL C 63 -8.68 13.78 -16.44
C VAL C 63 -8.70 14.27 -17.88
N SER C 64 -9.75 15.03 -18.21
CA SER C 64 -9.89 15.58 -19.55
C SER C 64 -8.72 16.49 -19.92
N ASP C 65 -8.32 17.35 -18.99
CA ASP C 65 -7.23 18.29 -19.22
C ASP C 65 -5.89 17.58 -19.36
N LEU C 66 -5.67 16.56 -18.53
CA LEU C 66 -4.44 15.79 -18.58
C LEU C 66 -4.29 15.04 -19.90
N GLU C 67 -5.42 14.56 -20.42
CA GLU C 67 -5.43 13.77 -21.65
C GLU C 67 -5.36 14.57 -22.95
N LEU C 68 -5.51 15.88 -22.85
CA LEU C 68 -5.54 16.74 -24.03
C LEU C 68 -4.22 17.51 -24.06
N SER C 69 -3.17 16.91 -23.50
CA SER C 69 -1.87 17.55 -23.47
C SER C 69 -0.79 16.64 -24.06
N LEU D 3 0.47 -0.24 0.59
CA LEU D 3 0.54 -1.69 0.70
C LEU D 3 -0.01 -2.17 2.04
N ALA D 4 0.18 -1.36 3.08
CA ALA D 4 -0.31 -1.69 4.41
C ALA D 4 -1.83 -1.82 4.41
N ALA D 5 -2.35 -2.72 5.24
CA ALA D 5 -3.78 -3.02 5.22
C ALA D 5 -4.39 -3.07 6.62
N ASP D 6 -5.66 -2.68 6.70
CA ASP D 6 -6.39 -2.60 7.97
C ASP D 6 -5.63 -1.74 8.98
N THR D 7 -4.87 -0.79 8.45
CA THR D 7 -4.05 0.11 9.25
C THR D 7 -4.90 1.28 9.73
N PRO D 8 -4.68 1.72 10.98
CA PRO D 8 -5.35 2.93 11.48
C PRO D 8 -5.12 4.14 10.58
N THR D 9 -6.09 5.05 10.56
CA THR D 9 -5.98 6.26 9.76
C THR D 9 -5.66 7.47 10.63
N ALA D 10 -4.68 8.25 10.22
CA ALA D 10 -4.29 9.45 10.95
C ALA D 10 -5.37 10.51 10.86
N CYS D 11 -5.90 10.92 12.01
CA CYS D 11 -6.94 11.94 12.06
C CYS D 11 -6.62 13.03 13.06
N CYS D 12 -6.60 14.27 12.61
CA CYS D 12 -6.39 15.40 13.50
C CYS D 12 -7.66 15.68 14.30
N PHE D 13 -7.49 15.98 15.59
CA PHE D 13 -8.61 16.38 16.44
C PHE D 13 -8.26 17.68 17.16
N SER D 14 -7.00 18.09 17.04
CA SER D 14 -6.52 19.30 17.68
C SER D 14 -5.47 19.98 16.82
N TYR D 15 -5.81 21.13 16.25
CA TYR D 15 -4.86 21.87 15.43
C TYR D 15 -3.92 22.72 16.28
N THR D 16 -2.78 23.09 15.71
CA THR D 16 -1.91 24.07 16.35
C THR D 16 -2.42 25.47 16.02
N SER D 17 -2.39 26.36 17.01
CA SER D 17 -2.92 27.71 16.84
C SER D 17 -1.89 28.65 16.23
N ARG D 18 -0.62 28.33 16.47
CA ARG D 18 0.48 29.20 16.06
C ARG D 18 0.82 29.11 14.58
N GLN D 19 1.72 29.98 14.14
CA GLN D 19 2.34 29.86 12.83
C GLN D 19 3.62 29.04 12.97
N ILE D 20 3.73 27.97 12.18
CA ILE D 20 4.95 27.16 12.19
C ILE D 20 5.95 27.75 11.21
N PRO D 21 7.21 27.92 11.66
CA PRO D 21 8.26 28.34 10.74
C PRO D 21 8.38 27.38 9.57
N GLN D 22 8.08 27.85 8.36
CA GLN D 22 8.09 27.03 7.17
C GLN D 22 9.45 26.37 6.96
N ASN D 23 10.49 27.03 7.44
CA ASN D 23 11.85 26.49 7.39
C ASN D 23 11.98 25.14 8.09
N PHE D 24 11.06 24.86 8.99
CA PHE D 24 11.07 23.61 9.74
C PHE D 24 10.29 22.51 9.02
N ILE D 25 9.37 22.91 8.15
CA ILE D 25 8.54 21.97 7.40
C ILE D 25 9.39 21.10 6.47
N ALA D 26 9.07 19.82 6.39
CA ALA D 26 9.77 18.90 5.51
C ALA D 26 8.80 18.20 4.55
N ASP D 27 7.56 18.01 4.98
CA ASP D 27 6.55 17.37 4.17
C ASP D 27 5.16 17.69 4.71
N TYR D 28 4.13 17.29 3.96
CA TYR D 28 2.75 17.49 4.38
C TYR D 28 1.86 16.33 3.97
N PHE D 29 0.82 16.09 4.76
CA PHE D 29 -0.19 15.09 4.44
C PHE D 29 -1.56 15.59 4.89
N GLU D 30 -2.53 15.61 3.97
CA GLU D 30 -3.89 15.96 4.35
C GLU D 30 -4.61 14.72 4.87
N THR D 31 -5.37 14.90 5.94
CA THR D 31 -6.06 13.78 6.57
C THR D 31 -7.15 13.19 5.69
N SER D 32 -7.61 11.99 6.04
CA SER D 32 -8.62 11.30 5.24
C SER D 32 -9.98 11.99 5.34
N SER D 33 -10.78 11.83 4.30
CA SER D 33 -12.13 12.37 4.28
C SER D 33 -13.02 11.62 5.27
N GLN D 34 -12.61 10.40 5.59
CA GLN D 34 -13.35 9.57 6.54
C GLN D 34 -13.28 10.14 7.95
N CYS D 35 -12.26 10.96 8.21
CA CYS D 35 -12.11 11.62 9.50
C CYS D 35 -13.30 12.56 9.75
N SER D 36 -13.70 12.67 11.01
CA SER D 36 -14.84 13.49 11.39
C SER D 36 -14.61 14.97 11.07
N LYS D 37 -13.34 15.38 11.08
CA LYS D 37 -12.99 16.77 10.80
C LYS D 37 -11.80 16.84 9.85
N PRO D 38 -11.75 17.90 9.02
CA PRO D 38 -10.63 18.09 8.10
C PRO D 38 -9.34 18.41 8.84
N GLY D 39 -8.20 18.23 8.19
CA GLY D 39 -6.92 18.50 8.82
C GLY D 39 -5.73 18.25 7.90
N VAL D 40 -4.63 18.94 8.19
CA VAL D 40 -3.39 18.75 7.45
C VAL D 40 -2.25 18.43 8.40
N ILE D 41 -1.51 17.38 8.12
CA ILE D 41 -0.41 16.96 8.97
C ILE D 41 0.94 17.35 8.38
N PHE D 42 1.57 18.36 8.97
CA PHE D 42 2.90 18.77 8.55
C PHE D 42 3.97 17.90 9.20
N LEU D 43 5.03 17.63 8.46
CA LEU D 43 6.15 16.86 8.99
C LEU D 43 7.39 17.75 9.07
N THR D 44 7.97 17.85 10.27
CA THR D 44 9.17 18.65 10.44
C THR D 44 10.40 17.80 10.13
N LYS D 45 11.56 18.45 10.11
CA LYS D 45 12.82 17.77 9.79
C LYS D 45 13.25 16.84 10.93
N ARG D 46 12.63 17.01 12.09
CA ARG D 46 12.85 16.11 13.21
C ARG D 46 11.78 15.03 13.25
N SER D 47 11.14 14.81 12.11
CA SER D 47 10.09 13.80 11.96
C SER D 47 8.97 13.93 12.98
N ARG D 48 8.56 15.16 13.25
CA ARG D 48 7.49 15.43 14.20
C ARG D 48 6.19 15.80 13.49
N GLN D 49 5.16 14.98 13.69
CA GLN D 49 3.87 15.19 13.03
C GLN D 49 3.04 16.23 13.76
N VAL D 50 2.55 17.22 13.02
CA VAL D 50 1.77 18.31 13.60
C VAL D 50 0.45 18.54 12.86
N CYS D 51 -0.66 18.45 13.58
CA CYS D 51 -1.97 18.71 13.01
C CYS D 51 -2.19 20.21 12.81
N ALA D 52 -2.54 20.59 11.59
CA ALA D 52 -2.77 21.99 11.27
C ALA D 52 -4.12 22.19 10.59
N ASP D 53 -4.72 23.35 10.82
CA ASP D 53 -6.05 23.65 10.30
C ASP D 53 -6.01 24.13 8.85
N PRO D 54 -6.64 23.36 7.94
CA PRO D 54 -6.65 23.69 6.52
C PRO D 54 -7.51 24.91 6.18
N SER D 55 -8.52 25.17 7.00
CA SER D 55 -9.36 26.35 6.81
C SER D 55 -8.54 27.62 7.09
N GLU D 56 -7.59 27.51 8.01
CA GLU D 56 -6.63 28.59 8.25
C GLU D 56 -5.70 28.74 7.04
N GLU D 57 -5.05 29.88 6.90
CA GLU D 57 -4.47 30.23 5.60
C GLU D 57 -2.95 30.16 5.49
N TRP D 58 -2.24 30.08 6.60
CA TRP D 58 -0.80 29.90 6.53
C TRP D 58 -0.51 28.47 6.10
N VAL D 59 -1.48 27.59 6.37
CA VAL D 59 -1.36 26.18 6.05
C VAL D 59 -1.43 25.92 4.53
N GLN D 60 -2.43 26.48 3.86
CA GLN D 60 -2.57 26.22 2.42
C GLN D 60 -1.36 26.81 1.67
N LYS D 61 -0.79 27.89 2.20
CA LYS D 61 0.39 28.49 1.60
C LYS D 61 1.54 27.50 1.70
N TYR D 62 1.64 26.83 2.84
CA TYR D 62 2.66 25.80 3.05
C TYR D 62 2.38 24.59 2.17
N VAL D 63 1.11 24.26 2.02
CA VAL D 63 0.70 23.14 1.16
C VAL D 63 1.00 23.46 -0.30
N SER D 64 0.67 24.69 -0.71
CA SER D 64 0.90 25.13 -2.08
C SER D 64 2.38 25.11 -2.44
N ASP D 65 3.21 25.70 -1.57
CA ASP D 65 4.65 25.80 -1.82
C ASP D 65 5.31 24.42 -1.81
N LEU D 66 4.72 23.48 -1.08
CA LEU D 66 5.25 22.13 -1.02
C LEU D 66 4.92 21.34 -2.29
N GLU D 67 3.72 21.57 -2.82
CA GLU D 67 3.31 20.93 -4.07
C GLU D 67 3.97 21.57 -5.27
N LEU D 68 3.85 22.89 -5.36
CA LEU D 68 4.45 23.65 -6.47
C LEU D 68 5.97 23.73 -6.30
N SER D 69 6.62 22.57 -6.25
CA SER D 69 8.05 22.50 -6.03
C SER D 69 8.58 21.10 -6.38
N ALA E 1 6.52 10.30 31.54
CA ALA E 1 5.10 10.36 31.20
C ALA E 1 4.90 10.22 29.69
N SER E 2 3.76 10.69 29.20
CA SER E 2 3.44 10.62 27.78
C SER E 2 2.90 11.95 27.27
N LEU E 3 3.59 12.54 26.30
CA LEU E 3 3.18 13.81 25.72
C LEU E 3 2.13 13.60 24.63
N ALA E 4 1.10 14.44 24.64
CA ALA E 4 0.03 14.35 23.65
C ALA E 4 -0.31 15.72 23.09
N ALA E 5 0.59 16.25 22.26
CA ALA E 5 0.40 17.56 21.64
C ALA E 5 -0.40 17.45 20.34
N ASP E 6 -0.48 18.55 19.61
CA ASP E 6 -1.13 18.56 18.31
C ASP E 6 -0.37 17.40 17.70
N THR E 7 -1.11 16.34 17.38
CA THR E 7 -0.56 15.13 16.80
C THR E 7 -1.70 14.28 16.23
N PRO E 8 -1.44 13.62 15.01
CA PRO E 8 -2.58 12.87 14.49
C PRO E 8 -3.08 11.77 15.44
N THR E 9 -4.39 11.52 15.44
CA THR E 9 -4.98 10.46 16.22
C THR E 9 -5.24 9.22 15.37
N ALA E 10 -4.81 8.06 15.88
CA ALA E 10 -5.01 6.80 15.17
C ALA E 10 -6.46 6.33 15.28
N CYS E 11 -7.18 6.39 14.17
CA CYS E 11 -8.58 5.96 14.12
C CYS E 11 -8.76 4.78 13.18
N CYS E 12 -9.75 3.95 13.46
CA CYS E 12 -10.05 2.80 12.60
C CYS E 12 -11.33 3.01 11.80
N PHE E 13 -11.27 2.70 10.52
CA PHE E 13 -12.43 2.77 9.65
C PHE E 13 -12.66 1.44 8.94
N SER E 14 -11.74 0.51 9.18
CA SER E 14 -11.82 -0.82 8.58
C SER E 14 -11.09 -1.84 9.45
N TYR E 15 -11.82 -2.87 9.87
CA TYR E 15 -11.26 -3.89 10.75
C TYR E 15 -10.81 -5.11 9.94
N THR E 16 -9.90 -5.89 10.53
CA THR E 16 -9.44 -7.12 9.90
C THR E 16 -10.58 -8.15 9.91
N SER E 17 -10.67 -8.94 8.85
CA SER E 17 -11.74 -9.92 8.72
C SER E 17 -11.33 -11.24 9.38
N ARG E 18 -10.06 -11.59 9.31
CA ARG E 18 -9.58 -12.83 9.84
C ARG E 18 -8.82 -12.67 11.14
N GLN E 19 -9.04 -13.56 12.09
CA GLN E 19 -8.41 -13.50 13.40
C GLN E 19 -6.90 -13.65 13.30
N ILE E 20 -6.17 -12.71 13.89
CA ILE E 20 -4.73 -12.78 13.93
C ILE E 20 -4.29 -13.86 14.91
N PRO E 21 -3.30 -14.68 14.52
CA PRO E 21 -2.69 -15.60 15.47
C PRO E 21 -2.11 -14.85 16.67
N GLN E 22 -2.49 -15.24 17.88
CA GLN E 22 -2.10 -14.51 19.08
C GLN E 22 -0.57 -14.42 19.22
N ASN E 23 0.13 -15.46 18.80
CA ASN E 23 1.58 -15.49 18.88
C ASN E 23 2.24 -14.47 17.95
N PHE E 24 1.44 -13.82 17.11
CA PHE E 24 1.93 -12.73 16.28
C PHE E 24 1.81 -11.40 17.01
N ILE E 25 0.86 -11.32 17.94
CA ILE E 25 0.60 -10.10 18.68
C ILE E 25 1.75 -9.74 19.61
N ALA E 26 2.12 -8.45 19.62
CA ALA E 26 3.17 -7.97 20.50
C ALA E 26 2.62 -6.98 21.52
N ASP E 27 1.62 -6.22 21.12
CA ASP E 27 0.99 -5.23 22.00
C ASP E 27 -0.36 -4.79 21.44
N TYR E 28 -1.11 -4.05 22.24
CA TYR E 28 -2.40 -3.53 21.80
C TYR E 28 -2.59 -2.07 22.23
N PHE E 29 -3.36 -1.33 21.43
CA PHE E 29 -3.78 0.01 21.77
C PHE E 29 -5.24 0.16 21.41
N GLU E 30 -5.91 1.14 22.01
CA GLU E 30 -7.30 1.42 21.62
C GLU E 30 -7.46 2.83 21.10
N THR E 31 -8.19 2.96 19.99
CA THR E 31 -8.43 4.25 19.36
C THR E 31 -9.12 5.20 20.32
N SER E 32 -8.78 6.49 20.22
CA SER E 32 -9.39 7.52 21.05
C SER E 32 -10.90 7.55 20.85
N SER E 33 -11.62 7.92 21.90
CA SER E 33 -13.07 7.98 21.85
C SER E 33 -13.56 9.02 20.85
N GLN E 34 -12.69 9.94 20.49
CA GLN E 34 -13.01 10.99 19.53
C GLN E 34 -13.24 10.42 18.13
N CYS E 35 -12.68 9.25 17.87
CA CYS E 35 -12.85 8.58 16.58
C CYS E 35 -14.31 8.24 16.34
N SER E 36 -14.74 8.34 15.08
CA SER E 36 -16.14 8.09 14.72
C SER E 36 -16.55 6.65 15.00
N LYS E 37 -15.65 5.72 14.72
CA LYS E 37 -15.90 4.31 14.95
C LYS E 37 -14.90 3.73 15.96
N PRO E 38 -15.36 2.81 16.81
CA PRO E 38 -14.48 2.17 17.80
C PRO E 38 -13.43 1.30 17.12
N GLY E 39 -12.46 0.81 17.90
CA GLY E 39 -11.43 -0.05 17.33
C GLY E 39 -10.27 -0.35 18.25
N VAL E 40 -9.69 -1.53 18.09
CA VAL E 40 -8.49 -1.93 18.80
C VAL E 40 -7.35 -2.10 17.80
N ILE E 41 -6.21 -1.52 18.12
CA ILE E 41 -5.05 -1.60 17.22
C ILE E 41 -3.97 -2.52 17.78
N PHE E 42 -3.93 -3.74 17.25
CA PHE E 42 -2.90 -4.70 17.65
C PHE E 42 -1.59 -4.41 16.95
N LEU E 43 -0.49 -4.52 17.69
CA LEU E 43 0.84 -4.37 17.11
C LEU E 43 1.48 -5.75 16.99
N THR E 44 1.71 -6.19 15.75
CA THR E 44 2.35 -7.48 15.53
C THR E 44 3.84 -7.39 15.82
N LYS E 45 4.49 -8.54 15.96
CA LYS E 45 5.93 -8.58 16.25
C LYS E 45 6.72 -7.97 15.10
N ARG E 46 6.12 -7.94 13.91
CA ARG E 46 6.73 -7.33 12.74
C ARG E 46 6.48 -5.82 12.74
N SER E 47 5.95 -5.33 13.86
CA SER E 47 5.65 -3.91 14.06
C SER E 47 4.61 -3.40 13.07
N ARG E 48 3.59 -4.21 12.79
CA ARG E 48 2.49 -3.79 11.94
C ARG E 48 1.28 -3.42 12.79
N GLN E 49 0.57 -2.38 12.37
CA GLN E 49 -0.63 -1.93 13.09
C GLN E 49 -1.89 -2.42 12.39
N VAL E 50 -2.71 -3.18 13.10
CA VAL E 50 -3.92 -3.76 12.53
C VAL E 50 -5.17 -3.38 13.32
N CYS E 51 -6.13 -2.77 12.63
CA CYS E 51 -7.40 -2.43 13.27
C CYS E 51 -8.25 -3.67 13.49
N ALA E 52 -8.80 -3.80 14.69
CA ALA E 52 -9.64 -4.95 15.04
C ALA E 52 -10.92 -4.49 15.71
N ASP E 53 -12.03 -5.13 15.34
CA ASP E 53 -13.34 -4.80 15.90
C ASP E 53 -13.41 -5.25 17.36
N PRO E 54 -13.58 -4.28 18.28
CA PRO E 54 -13.64 -4.56 19.72
C PRO E 54 -14.88 -5.35 20.13
N SER E 55 -15.89 -5.36 19.28
CA SER E 55 -17.12 -6.11 19.56
C SER E 55 -16.88 -7.61 19.41
N GLU E 56 -16.03 -7.97 18.44
CA GLU E 56 -15.65 -9.36 18.25
C GLU E 56 -14.89 -9.85 19.48
N GLU E 57 -15.16 -11.09 19.90
CA GLU E 57 -14.68 -11.58 21.18
C GLU E 57 -13.26 -12.15 21.15
N TRP E 58 -12.71 -12.35 19.96
CA TRP E 58 -11.35 -12.88 19.87
C TRP E 58 -10.32 -11.78 20.15
N VAL E 59 -10.69 -10.53 19.90
CA VAL E 59 -9.81 -9.42 20.20
C VAL E 59 -9.86 -9.08 21.69
N GLN E 60 -10.94 -9.50 22.34
CA GLN E 60 -11.16 -9.15 23.74
C GLN E 60 -10.33 -10.04 24.67
N LYS E 61 -10.17 -11.29 24.29
CA LYS E 61 -9.30 -12.19 25.04
C LYS E 61 -7.86 -11.80 24.81
N TYR E 62 -7.53 -11.39 23.59
CA TYR E 62 -6.19 -10.94 23.26
C TYR E 62 -5.76 -9.77 24.13
N VAL E 63 -6.70 -8.86 24.38
CA VAL E 63 -6.44 -7.74 25.28
C VAL E 63 -6.27 -8.23 26.71
N SER E 64 -7.13 -9.16 27.11
CA SER E 64 -7.09 -9.73 28.46
C SER E 64 -5.73 -10.34 28.77
N ASP E 65 -5.24 -11.18 27.85
CA ASP E 65 -3.94 -11.83 28.04
C ASP E 65 -2.80 -10.83 28.09
N LEU E 66 -2.87 -9.82 27.22
CA LEU E 66 -1.84 -8.78 27.17
C LEU E 66 -1.78 -7.98 28.47
N GLU E 67 -2.95 -7.59 28.97
CA GLU E 67 -3.02 -6.85 30.23
C GLU E 67 -2.68 -7.73 31.42
N LEU E 68 -3.39 -8.85 31.54
CA LEU E 68 -3.15 -9.78 32.64
C LEU E 68 -1.89 -10.61 32.41
N SER E 69 -0.75 -9.92 32.38
CA SER E 69 0.54 -10.57 32.16
C SER E 69 1.69 -9.69 32.63
C1 IDS F . 16.11 -17.62 4.95
C2 IDS F . 17.40 -16.93 5.39
C3 IDS F . 17.09 -15.62 6.10
C4 IDS F . 16.16 -14.76 5.26
C5 IDS F . 14.94 -15.54 4.79
C6 IDS F . 14.08 -15.89 5.97
O2 IDS F . 18.12 -17.79 6.27
O3 IDS F . 18.32 -14.91 6.34
O4 IDS F . 15.73 -13.63 6.03
O5 IDS F . 15.36 -16.74 4.11
O6A IDS F . 12.89 -15.51 5.97
O6B IDS F . 14.59 -16.55 6.91
S IDS F . 19.35 -17.26 7.02
O1S IDS F . 19.20 -16.24 8.02
O2S IDS F . 20.61 -17.97 6.92
O3S IDS F . 18.98 -18.33 8.20
C1 SGN F . 16.24 -12.41 5.67
C2 SGN F . 15.32 -11.20 5.67
C3 SGN F . 15.59 -10.16 4.59
C4 SGN F . 17.10 -9.96 4.51
C5 SGN F . 17.90 -11.28 4.37
C6 SGN F . 19.16 -11.29 5.24
N2 SGN F . 14.01 -11.32 6.28
O3 SGN F . 15.04 -8.90 5.01
O4 SGN F . 17.43 -9.04 3.47
O5 SGN F . 17.13 -12.50 4.56
O6 SGN F . 19.32 -10.12 6.05
S1 SGN F . 14.09 -11.11 7.85
O1S SGN F . 15.16 -10.24 8.20
O2S SGN F . 12.92 -10.49 8.36
O3S SGN F . 14.35 -12.57 8.53
S2 SGN F . 20.17 -8.94 5.57
O4S SGN F . 20.41 -7.83 6.42
O5S SGN F . 20.92 -9.09 4.35
O6S SGN F . 21.42 -9.64 6.32
C1 IDS G . 11.54 -26.45 5.42
C2 IDS G . 11.43 -25.47 4.24
C3 IDS G . 12.81 -25.15 3.69
C4 IDS G . 13.67 -24.61 4.83
C5 IDS G . 13.74 -25.61 5.99
C6 IDS G . 14.44 -26.88 5.60
O1 IDS G . 10.24 -26.64 5.99
O2 IDS G . 10.62 -26.00 3.19
O3 IDS G . 12.69 -24.17 2.66
O4 IDS G . 14.98 -24.18 4.39
O5 IDS G . 12.40 -25.92 6.43
O6A IDS G . 15.29 -26.84 4.69
O6B IDS G . 14.28 -27.89 6.32
S IDS G . 9.40 -25.20 2.71
O1S IDS G . 9.29 -24.83 1.31
O2S IDS G . 8.27 -25.03 3.59
O3S IDS G . 8.74 -26.62 2.27
C1 SGN G . 15.07 -22.84 4.94
C2 SGN G . 14.41 -21.80 4.07
C3 SGN G . 14.17 -20.54 4.90
C4 SGN G . 15.44 -20.08 5.60
C5 SGN G . 16.22 -21.22 6.31
C6 SGN G . 15.71 -21.46 7.74
N2 SGN G . 15.26 -21.41 2.95
O3 SGN G . 13.15 -20.80 5.87
O4 SGN G . 16.26 -19.24 4.78
O5 SGN G . 16.31 -22.43 5.54
O6 SGN G . 14.35 -21.88 7.77
S1 SGN G . 15.52 -22.31 1.64
O1S SGN G . 15.07 -21.58 0.49
O2S SGN G . 16.92 -22.58 1.51
O3S SGN G . 14.69 -23.71 1.72
S2 SGN G . 13.35 -21.22 8.73
O4S SGN G . 14.08 -22.07 9.92
O5S SGN G . 13.75 -20.04 9.47
O6S SGN G . 12.14 -21.91 9.08
C2 BGC H . 23.77 -8.94 -11.44
C3 BGC H . 22.81 -7.93 -10.82
C4 BGC H . 22.83 -6.59 -11.55
C5 BGC H . 22.81 -6.76 -13.07
C6 BGC H . 23.01 -5.43 -13.78
C1 BGC H . 23.62 -8.97 -12.96
O1 BGC H . 24.58 -9.84 -13.52
O2 BGC H . 23.50 -10.22 -10.93
O3 BGC H . 23.17 -7.73 -9.47
O4 BGC H . 21.71 -5.83 -11.16
O5 BGC H . 23.82 -7.67 -13.48
O6 BGC H . 21.88 -4.62 -13.57
C2 BGC I . 2.52 -26.00 -18.16
C3 BGC I . 3.47 -25.78 -17.00
C4 BGC I . 4.85 -26.38 -17.29
C5 BGC I . 5.34 -26.02 -18.69
C6 BGC I . 6.66 -26.69 -19.01
C1 BGC I . 3.16 -25.67 -19.50
O1 BGC I . 2.28 -26.03 -20.54
O2 BGC I . 1.37 -25.19 -17.97
O3 BGC I . 2.95 -26.37 -15.83
O4 BGC I . 5.78 -25.91 -16.34
O5 BGC I . 4.36 -26.39 -19.64
O6 BGC I . 6.92 -26.59 -20.39
C2 BGC J . 12.01 -28.68 -19.02
C3 BGC J . 13.19 -29.02 -19.93
C4 BGC J . 12.77 -29.91 -21.09
C5 BGC J . 11.48 -29.40 -21.77
C6 BGC J . 10.98 -30.41 -22.78
C1 BGC J . 10.83 -28.19 -19.85
O1 BGC J . 9.73 -27.94 -19.01
O2 BGC J . 12.38 -27.69 -18.10
O3 BGC J . 14.18 -29.67 -19.18
O4 BGC J . 13.80 -29.96 -22.05
O5 BGC J . 10.48 -29.18 -20.80
O6 BGC J . 9.70 -30.04 -23.23
C2 BGC K . 23.08 -25.36 -15.90
C3 BGC K . 23.62 -24.75 -17.20
C4 BGC K . 24.04 -23.30 -16.98
C5 BGC K . 24.90 -23.14 -15.73
C6 BGC K . 25.21 -21.69 -15.46
C1 BGC K . 24.03 -25.09 -14.74
O1 BGC K . 23.46 -25.60 -13.55
O2 BGC K . 22.92 -26.75 -16.07
O3 BGC K . 22.63 -24.82 -18.20
O4 BGC K . 24.73 -22.83 -18.11
O5 BGC K . 24.25 -23.71 -14.61
O6 BGC K . 25.96 -21.15 -16.54
C2 BGC L . 15.62 -23.71 -3.94
C3 BGC L . 14.72 -23.87 -5.16
C4 BGC L . 15.53 -24.22 -6.41
C5 BGC L . 16.77 -23.34 -6.51
C6 BGC L . 16.90 -22.75 -7.92
C1 BGC L . 16.78 -22.77 -4.25
O1 BGC L . 16.76 -21.68 -3.35
O2 BGC L . 16.11 -24.97 -3.55
O3 BGC L . 14.00 -22.68 -5.39
O4 BGC L . 15.92 -25.58 -6.35
O5 BGC L . 16.69 -22.29 -5.57
O6 BGC L . 18.04 -21.92 -7.98
CL CL M . -12.18 -5.38 -4.36
C2 BGC N . 0.08 20.42 -16.12
C3 BGC N . -0.49 20.46 -14.71
C4 BGC N . -2.01 20.63 -14.73
C5 BGC N . -2.65 19.66 -15.72
C6 BGC N . -4.16 19.88 -15.81
C1 BGC N . -0.71 19.46 -17.01
O1 BGC N . -0.22 19.53 -18.33
O2 BGC N . 1.42 20.01 -16.06
O3 BGC N . 0.09 21.53 -14.00
O4 BGC N . -2.53 20.41 -13.43
O5 BGC N . -2.07 19.81 -17.00
O6 BGC N . -4.79 19.18 -14.76
C2 BGC O . -7.67 0.59 5.53
C3 BGC O . -8.65 1.73 5.77
C4 BGC O . -8.32 2.94 4.91
C5 BGC O . -8.05 2.54 3.46
C6 BGC O . -7.61 3.74 2.64
C1 BGC O . -7.45 0.34 4.04
O1 BGC O . -6.46 -0.64 3.85
O2 BGC O . -8.15 -0.59 6.13
O3 BGC O . -8.63 2.08 7.13
O4 BGC O . -9.40 3.85 4.95
O5 BGC O . -7.06 1.53 3.40
O6 BGC O . -8.67 4.67 2.55
C2 BGC P . 8.67 30.86 17.02
C3 BGC P . 10.05 30.28 16.78
C4 BGC P . 10.21 28.94 17.49
C5 BGC P . 9.03 28.02 17.23
C6 BGC P . 9.12 26.75 18.06
C1 BGC P . 7.58 29.83 16.74
O1 BGC P . 6.33 30.37 17.05
O2 BGC P . 8.48 31.99 16.19
O3 BGC P . 11.04 31.18 17.23
O4 BGC P . 11.40 28.32 17.05
O5 BGC P . 7.82 28.68 17.53
O6 BGC P . 8.55 25.67 17.34
C1 GLC Q . -11.34 -11.28 2.53
C2 GLC Q . -12.16 -12.41 1.96
C3 GLC Q . -12.37 -13.54 2.95
C4 GLC Q . -11.02 -13.95 3.47
C5 GLC Q . -10.46 -12.82 4.30
C6 GLC Q . -8.96 -12.98 4.39
O1 GLC Q . -12.25 -10.20 2.59
O2 GLC Q . -13.43 -11.87 1.60
O3 GLC Q . -12.96 -14.65 2.27
O4 GLC Q . -11.14 -15.11 4.28
O5 GLC Q . -10.84 -11.50 3.85
O6 GLC Q . -8.68 -14.34 4.77
C2 BGC R . -2.88 -15.80 7.55
C3 BGC R . -2.42 -17.04 8.31
C4 BGC R . -3.28 -17.28 9.54
C5 BGC R . -4.76 -17.19 9.21
C6 BGC R . -5.60 -17.26 10.49
C1 BGC R . -4.38 -15.86 7.32
O1 BGC R . -4.80 -14.68 6.66
O2 BGC R . -2.20 -15.73 6.32
O3 BGC R . -1.07 -16.88 8.71
O4 BGC R . -2.99 -18.56 10.07
O5 BGC R . -5.05 -15.98 8.55
O6 BGC R . -5.38 -18.50 11.13
CL CL S . -13.42 10.25 12.90
#